data_3VQQ
#
_entry.id   3VQQ
#
_cell.length_a   60.399
_cell.length_b   61.681
_cell.length_c   81.893
_cell.angle_alpha   90.00
_cell.angle_beta   90.00
_cell.angle_gamma   90.00
#
_symmetry.space_group_name_H-M   'P 21 21 21'
#
loop_
_entity.id
_entity.type
_entity.pdbx_description
1 polymer 'POL polyprotein'
2 branched beta-D-fructofuranose-(2-1)-alpha-D-glucopyranose
3 non-polymer 'CADMIUM ION'
4 non-polymer 'SULFATE ION'
5 non-polymer 2,1,3-benzothiadiazol-4-amine
6 water water
#
_entity_poly.entity_id   1
_entity_poly.type   'polypeptide(L)'
_entity_poly.pdbx_seq_one_letter_code
;DSSPGIWQLDCTHLEGKVILVAVHVASGYIEAEVIPAETGQETAYFLLKLAGRWPVKTVHTDNGSNFTSTTVKAACDWAG
IKQEDGIPYNPQSQGVIESMNKELKKIIGQVRDQAEHLKTAVQMAVFIHNHKRKGGIGGYSAGERIVDIIATDIQTKE
;
_entity_poly.pdbx_strand_id   A,B
#
# COMPACT_ATOMS: atom_id res chain seq x y z
N SER A 3 -10.72 -13.13 11.59
CA SER A 3 -11.01 -11.65 11.65
C SER A 3 -9.83 -10.61 11.48
N PRO A 4 -8.59 -10.85 11.97
CA PRO A 4 -7.54 -9.90 11.54
C PRO A 4 -7.13 -10.01 10.02
N GLY A 5 -7.46 -11.11 9.34
CA GLY A 5 -7.11 -11.32 7.91
C GLY A 5 -8.22 -10.94 6.91
N ILE A 6 -9.32 -10.36 7.40
CA ILE A 6 -10.48 -10.07 6.59
C ILE A 6 -10.56 -8.59 6.10
N TRP A 7 -10.67 -8.43 4.78
CA TRP A 7 -10.78 -7.08 4.13
C TRP A 7 -12.05 -7.04 3.29
N GLN A 8 -12.66 -5.88 3.19
CA GLN A 8 -13.82 -5.67 2.40
C GLN A 8 -13.38 -4.74 1.24
N LEU A 9 -13.66 -5.17 0.00
CA LEU A 9 -13.28 -4.36 -1.17
C LEU A 9 -14.53 -3.69 -1.74
N ASP A 10 -14.42 -2.43 -2.11
CA ASP A 10 -15.54 -1.68 -2.64
C ASP A 10 -15.10 -0.59 -3.61
N CYS A 11 -16.00 -0.12 -4.47
CA CYS A 11 -15.61 0.76 -5.55
C CYS A 11 -16.37 2.06 -5.24
N THR A 12 -15.81 3.20 -5.59
CA THR A 12 -16.64 4.37 -5.55
C THR A 12 -16.26 5.22 -6.80
N HIS A 13 -17.23 5.90 -7.40
CA HIS A 13 -17.00 6.64 -8.67
C HIS A 13 -17.12 8.14 -8.38
N LEU A 14 -16.20 8.93 -8.90
CA LEU A 14 -16.23 10.38 -8.63
C LEU A 14 -15.55 11.02 -9.84
N GLU A 15 -16.11 12.12 -10.37
CA GLU A 15 -15.50 12.79 -11.54
C GLU A 15 -15.26 11.84 -12.73
N GLY A 16 -16.15 10.85 -12.90
CA GLY A 16 -15.98 9.87 -13.99
C GLY A 16 -14.84 8.90 -13.81
N LYS A 17 -14.30 8.82 -12.60
CA LYS A 17 -13.17 7.96 -12.37
C LYS A 17 -13.53 6.87 -11.34
N VAL A 18 -12.75 5.82 -11.31
CA VAL A 18 -12.97 4.68 -10.41
C VAL A 18 -12.01 4.62 -9.24
N ILE A 19 -12.53 4.61 -8.02
CA ILE A 19 -11.66 4.48 -6.86
C ILE A 19 -11.93 3.08 -6.27
N LEU A 20 -10.94 2.21 -6.32
CA LEU A 20 -11.04 0.95 -5.63
C LEU A 20 -10.52 1.09 -4.17
N VAL A 21 -11.29 0.64 -3.18
CA VAL A 21 -11.00 0.81 -1.74
C VAL A 21 -10.94 -0.59 -1.06
N ALA A 22 -9.97 -0.83 -0.19
CA ALA A 22 -9.91 -2.10 0.56
C ALA A 22 -9.98 -1.62 2.00
N VAL A 23 -10.96 -2.10 2.79
CA VAL A 23 -11.03 -1.73 4.21
C VAL A 23 -10.65 -2.95 5.08
N HIS A 24 -9.71 -2.79 6.00
CA HIS A 24 -9.45 -3.84 6.96
C HIS A 24 -10.60 -3.79 8.00
N VAL A 25 -11.47 -4.81 7.98
CA VAL A 25 -12.79 -4.73 8.69
C VAL A 25 -12.64 -4.43 10.22
N ALA A 26 -11.67 -5.09 10.85
CA ALA A 26 -11.51 -5.01 12.32
C ALA A 26 -11.01 -3.63 12.82
N SER A 27 -10.33 -2.85 11.96
CA SER A 27 -9.68 -1.58 12.35
C SER A 27 -10.27 -0.36 11.65
N GLY A 28 -10.91 -0.54 10.51
CA GLY A 28 -11.32 0.63 9.64
C GLY A 28 -10.13 1.18 8.77
N TYR A 29 -8.96 0.56 8.84
CA TYR A 29 -7.84 1.06 8.03
C TYR A 29 -8.13 0.89 6.54
N ILE A 30 -7.75 1.87 5.71
CA ILE A 30 -7.99 1.70 4.29
C ILE A 30 -6.76 1.78 3.38
N GLU A 31 -6.78 1.02 2.28
CA GLU A 31 -5.88 1.33 1.18
C GLU A 31 -6.75 1.67 -0.01
N ALA A 32 -6.30 2.60 -0.86
CA ALA A 32 -7.11 2.91 -2.07
C ALA A 32 -6.29 3.31 -3.29
N GLU A 33 -6.86 3.13 -4.50
CA GLU A 33 -6.14 3.54 -5.72
C GLU A 33 -7.18 4.02 -6.65
N VAL A 34 -6.79 4.88 -7.58
CA VAL A 34 -7.71 5.34 -8.63
C VAL A 34 -7.28 4.55 -9.84
N ILE A 35 -8.24 3.94 -10.50
CA ILE A 35 -7.94 3.08 -11.64
C ILE A 35 -8.80 3.56 -12.82
N PRO A 36 -8.35 3.30 -14.03
CA PRO A 36 -9.08 3.82 -15.21
C PRO A 36 -10.41 3.15 -15.46
N ALA A 37 -10.55 1.84 -15.21
CA ALA A 37 -11.89 1.18 -15.24
C ALA A 37 -11.86 -0.12 -14.44
N GLU A 38 -13.02 -0.63 -14.03
CA GLU A 38 -13.08 -1.82 -13.20
C GLU A 38 -12.85 -3.10 -14.00
N THR A 39 -11.64 -3.26 -14.52
CA THR A 39 -11.28 -4.47 -15.28
C THR A 39 -10.66 -5.56 -14.38
N GLY A 40 -10.69 -6.82 -14.86
CA GLY A 40 -10.03 -7.97 -14.18
C GLY A 40 -8.56 -7.67 -13.87
N GLN A 41 -7.82 -7.22 -14.89
CA GLN A 41 -6.39 -6.92 -14.70
C GLN A 41 -6.15 -5.84 -13.58
N GLU A 42 -6.89 -4.75 -13.57
CA GLU A 42 -6.62 -3.73 -12.54
C GLU A 42 -6.98 -4.26 -11.14
N THR A 43 -8.06 -5.03 -11.10
CA THR A 43 -8.57 -5.55 -9.84
C THR A 43 -7.62 -6.59 -9.31
N ALA A 44 -7.09 -7.44 -10.19
CA ALA A 44 -6.13 -8.46 -9.76
C ALA A 44 -4.87 -7.80 -9.28
N TYR A 45 -4.44 -6.80 -10.02
CA TYR A 45 -3.20 -6.12 -9.63
C TYR A 45 -3.41 -5.42 -8.30
N PHE A 46 -4.58 -4.78 -8.10
CA PHE A 46 -4.84 -4.12 -6.82
C PHE A 46 -4.79 -5.14 -5.69
N LEU A 47 -5.42 -6.30 -5.87
CA LEU A 47 -5.42 -7.33 -4.80
C LEU A 47 -4.02 -7.93 -4.50
N LEU A 48 -3.26 -8.22 -5.55
CA LEU A 48 -1.90 -8.64 -5.42
C LEU A 48 -1.02 -7.69 -4.58
N LYS A 49 -1.10 -6.39 -4.92
CA LYS A 49 -0.39 -5.33 -4.16
C LYS A 49 -0.83 -5.35 -2.67
N LEU A 50 -2.12 -5.34 -2.43
CA LEU A 50 -2.60 -5.31 -1.04
C LEU A 50 -2.06 -6.52 -0.26
N ALA A 51 -2.21 -7.73 -0.85
CA ALA A 51 -1.77 -9.00 -0.22
C ALA A 51 -0.25 -9.05 0.05
N GLY A 52 0.52 -8.28 -0.70
CA GLY A 52 1.99 -8.21 -0.50
C GLY A 52 2.33 -7.25 0.65
N ARG A 53 1.38 -6.39 1.05
CA ARG A 53 1.63 -5.31 2.05
C ARG A 53 1.07 -5.61 3.46
N TRP A 54 0.07 -6.48 3.53
CA TRP A 54 -0.63 -6.91 4.74
C TRP A 54 -0.98 -8.38 4.62
N PRO A 55 -1.16 -9.09 5.78
CA PRO A 55 -1.51 -10.52 5.71
C PRO A 55 -3.00 -10.73 5.39
N VAL A 56 -3.37 -10.82 4.11
CA VAL A 56 -4.77 -10.83 3.65
C VAL A 56 -5.18 -12.31 3.57
N LYS A 57 -6.09 -12.69 4.44
CA LYS A 57 -6.56 -14.09 4.37
C LYS A 57 -7.84 -14.22 3.54
N THR A 58 -8.72 -13.23 3.67
CA THR A 58 -10.06 -13.29 3.10
C THR A 58 -10.45 -11.92 2.55
N VAL A 59 -11.02 -11.85 1.33
CA VAL A 59 -11.72 -10.62 0.87
C VAL A 59 -13.23 -10.79 0.61
N HIS A 60 -14.03 -9.89 1.18
CA HIS A 60 -15.46 -9.82 0.89
C HIS A 60 -15.55 -8.86 -0.27
N THR A 61 -16.29 -9.20 -1.32
CA THR A 61 -16.43 -8.28 -2.45
C THR A 61 -17.89 -7.98 -2.70
N ASP A 62 -18.16 -6.90 -3.46
CA ASP A 62 -19.52 -6.69 -4.00
C ASP A 62 -19.98 -7.70 -5.12
N ASN A 63 -19.19 -8.74 -5.49
CA ASN A 63 -19.50 -9.64 -6.64
C ASN A 63 -19.65 -8.93 -8.04
N GLY A 64 -19.12 -7.74 -8.20
CA GLY A 64 -19.11 -7.09 -9.50
C GLY A 64 -18.43 -8.00 -10.49
N SER A 65 -18.63 -7.74 -11.80
CA SER A 65 -18.09 -8.60 -12.86
C SER A 65 -16.57 -8.64 -12.86
N ASN A 66 -15.91 -7.58 -12.37
CA ASN A 66 -14.41 -7.58 -12.24
C ASN A 66 -13.90 -8.72 -11.36
N PHE A 67 -14.66 -9.11 -10.37
CA PHE A 67 -14.26 -10.21 -9.48
C PHE A 67 -14.57 -11.59 -10.02
N THR A 68 -15.39 -11.68 -11.07
CA THR A 68 -15.71 -13.00 -11.57
C THR A 68 -14.74 -13.36 -12.67
N SER A 69 -13.92 -12.39 -13.10
CA SER A 69 -12.85 -12.66 -14.04
C SER A 69 -11.85 -13.68 -13.53
N THR A 70 -11.29 -14.38 -14.51
CA THR A 70 -10.32 -15.45 -14.30
C THR A 70 -8.97 -14.96 -13.75
N THR A 71 -8.52 -13.81 -14.23
CA THR A 71 -7.35 -13.09 -13.73
C THR A 71 -7.45 -12.81 -12.23
N VAL A 72 -8.63 -12.37 -11.75
CA VAL A 72 -8.83 -12.10 -10.29
C VAL A 72 -8.75 -13.44 -9.50
N LYS A 73 -9.33 -14.49 -10.05
CA LYS A 73 -9.27 -15.79 -9.38
C LYS A 73 -7.85 -16.32 -9.32
N ALA A 74 -7.09 -16.15 -10.41
CA ALA A 74 -5.72 -16.62 -10.42
C ALA A 74 -4.91 -15.82 -9.40
N ALA A 75 -5.19 -14.51 -9.29
CA ALA A 75 -4.45 -13.69 -8.31
C ALA A 75 -4.72 -14.14 -6.85
N CYS A 76 -5.97 -14.39 -6.50
CA CYS A 76 -6.30 -14.80 -5.14
C CYS A 76 -5.69 -16.16 -4.85
N ASP A 77 -5.69 -17.03 -5.87
CA ASP A 77 -5.14 -18.38 -5.63
C ASP A 77 -3.65 -18.33 -5.45
N TRP A 78 -2.97 -17.51 -6.26
CA TRP A 78 -1.55 -17.39 -6.15
C TRP A 78 -1.23 -16.82 -4.79
N ALA A 79 -2.00 -15.81 -4.35
CA ALA A 79 -1.66 -15.14 -3.05
C ALA A 79 -2.25 -15.84 -1.84
N GLY A 80 -3.05 -16.88 -2.07
CA GLY A 80 -3.70 -17.66 -0.97
C GLY A 80 -4.77 -16.84 -0.27
N ILE A 81 -5.52 -16.05 -1.05
CA ILE A 81 -6.62 -15.29 -0.55
C ILE A 81 -7.88 -16.08 -0.78
N LYS A 82 -8.77 -16.19 0.21
CA LYS A 82 -10.10 -16.67 -0.17
C LYS A 82 -11.06 -15.55 -0.47
N GLN A 83 -11.66 -15.68 -1.61
CA GLN A 83 -12.49 -14.64 -2.16
C GLN A 83 -13.91 -15.00 -1.82
N GLU A 84 -14.65 -14.10 -1.16
CA GLU A 84 -16.01 -14.38 -0.76
C GLU A 84 -16.84 -13.29 -1.38
N ASP A 85 -17.54 -13.66 -2.45
CA ASP A 85 -18.30 -12.71 -3.23
C ASP A 85 -19.69 -12.56 -2.65
N GLY A 86 -20.15 -11.30 -2.54
CA GLY A 86 -21.50 -11.00 -2.11
C GLY A 86 -21.69 -11.02 -0.61
N ILE A 87 -20.60 -11.11 0.15
CA ILE A 87 -20.67 -11.05 1.66
C ILE A 87 -20.67 -9.55 2.12
N PRO A 88 -21.77 -9.05 2.74
CA PRO A 88 -21.90 -7.63 3.11
C PRO A 88 -20.88 -7.12 4.14
N TYR A 89 -20.62 -5.80 4.03
CA TYR A 89 -19.71 -5.04 4.90
C TYR A 89 -20.27 -4.91 6.33
N ASN A 90 -19.68 -5.63 7.28
CA ASN A 90 -20.26 -5.64 8.62
C ASN A 90 -19.15 -5.54 9.67
N PRO A 91 -18.81 -4.29 10.11
CA PRO A 91 -17.74 -4.07 11.10
C PRO A 91 -18.19 -3.99 12.57
N MET A 100 -18.52 3.59 4.64
CA MET A 100 -17.13 4.02 4.49
C MET A 100 -16.94 4.87 3.21
N ASN A 101 -17.69 4.57 2.14
CA ASN A 101 -17.53 5.33 0.89
C ASN A 101 -18.02 6.79 1.05
N LYS A 102 -18.99 6.98 1.96
CA LYS A 102 -19.53 8.29 2.32
C LYS A 102 -18.46 9.15 2.98
N GLU A 103 -17.84 8.58 4.00
CA GLU A 103 -16.71 9.14 4.72
C GLU A 103 -15.48 9.53 3.79
N LEU A 104 -15.09 8.64 2.89
CA LEU A 104 -13.94 8.92 2.08
C LEU A 104 -14.26 10.10 1.19
N LYS A 105 -15.45 10.10 0.56
CA LYS A 105 -15.86 11.24 -0.27
C LYS A 105 -15.91 12.59 0.46
N LYS A 106 -16.40 12.61 1.70
CA LYS A 106 -16.42 13.85 2.48
C LYS A 106 -14.97 14.37 2.67
N ILE A 107 -14.05 13.49 3.03
CA ILE A 107 -12.68 13.98 3.27
C ILE A 107 -12.08 14.41 1.93
N ILE A 108 -12.34 13.63 0.88
CA ILE A 108 -11.82 14.04 -0.43
C ILE A 108 -12.28 15.47 -0.73
N GLY A 109 -13.53 15.81 -0.36
CA GLY A 109 -14.07 17.17 -0.58
C GLY A 109 -13.27 18.17 0.22
N GLN A 110 -12.71 17.77 1.35
CA GLN A 110 -11.99 18.74 2.20
C GLN A 110 -10.60 19.04 1.64
N VAL A 111 -10.03 18.15 0.80
CA VAL A 111 -8.69 18.44 0.29
C VAL A 111 -8.69 18.67 -1.22
N ARG A 112 -9.82 18.53 -1.86
CA ARG A 112 -9.87 18.50 -3.31
C ARG A 112 -9.25 19.75 -3.99
N ASP A 113 -9.48 20.91 -3.39
CA ASP A 113 -8.93 22.16 -3.95
C ASP A 113 -7.45 22.35 -3.74
N GLN A 114 -6.77 21.42 -3.03
CA GLN A 114 -5.29 21.46 -2.90
C GLN A 114 -4.50 20.60 -3.89
N ALA A 115 -5.19 19.84 -4.75
CA ALA A 115 -4.60 18.81 -5.61
C ALA A 115 -5.00 19.19 -7.04
N GLU A 116 -4.07 19.10 -7.99
CA GLU A 116 -4.44 19.37 -9.40
C GLU A 116 -5.25 18.18 -9.93
N HIS A 117 -5.01 16.97 -9.42
CA HIS A 117 -5.73 15.77 -9.91
C HIS A 117 -6.44 15.00 -8.84
N LEU A 118 -7.56 14.37 -9.20
CA LEU A 118 -8.31 13.62 -8.21
C LEU A 118 -7.45 12.59 -7.46
N LYS A 119 -6.53 11.92 -8.12
CA LYS A 119 -5.94 10.78 -7.46
C LYS A 119 -5.05 11.21 -6.33
N THR A 120 -4.42 12.39 -6.46
CA THR A 120 -3.72 12.99 -5.37
C THR A 120 -4.68 13.27 -4.21
N ALA A 121 -5.83 13.88 -4.47
CA ALA A 121 -6.79 14.10 -3.42
C ALA A 121 -7.26 12.83 -2.71
N VAL A 122 -7.42 11.75 -3.46
CA VAL A 122 -7.82 10.46 -2.89
C VAL A 122 -6.73 9.96 -1.90
N GLN A 123 -5.49 9.97 -2.31
CA GLN A 123 -4.41 9.63 -1.33
C GLN A 123 -4.29 10.53 -0.14
N MET A 124 -4.61 11.81 -0.34
CA MET A 124 -4.65 12.70 0.86
C MET A 124 -5.73 12.26 1.83
N ALA A 125 -6.86 11.84 1.25
CA ALA A 125 -8.00 11.50 2.07
C ALA A 125 -7.70 10.22 2.78
N VAL A 126 -7.04 9.27 2.13
CA VAL A 126 -6.65 8.00 2.78
C VAL A 126 -5.67 8.31 3.99
N PHE A 127 -4.66 9.16 3.76
CA PHE A 127 -3.80 9.67 4.82
C PHE A 127 -4.62 10.23 6.01
N ILE A 128 -5.56 11.13 5.73
CA ILE A 128 -6.30 11.72 6.82
C ILE A 128 -7.17 10.65 7.54
N HIS A 129 -7.91 9.86 6.78
CA HIS A 129 -8.66 8.76 7.40
C HIS A 129 -7.84 7.88 8.33
N ASN A 130 -6.74 7.36 7.84
CA ASN A 130 -5.87 6.42 8.61
C ASN A 130 -5.12 6.98 9.81
N HIS A 131 -4.84 8.32 9.79
CA HIS A 131 -4.25 9.00 10.91
C HIS A 131 -5.20 9.59 11.93
N LYS A 132 -6.49 9.62 11.67
CA LYS A 132 -7.45 10.35 12.50
C LYS A 132 -7.73 9.57 13.78
N ARG A 133 -7.57 10.22 14.93
CA ARG A 133 -7.86 9.57 16.21
C ARG A 133 -9.37 9.52 16.45
N LYS A 134 -9.90 8.32 16.71
CA LYS A 134 -11.35 8.05 16.85
C LYS A 134 -11.56 7.74 18.32
N GLY A 135 -12.69 8.19 18.86
CA GLY A 135 -13.06 7.99 20.28
C GLY A 135 -12.55 9.04 21.26
N GLY A 136 -12.51 10.31 20.84
CA GLY A 136 -11.95 11.41 21.66
C GLY A 136 -10.43 11.31 21.82
N ILE A 137 -9.91 12.10 22.78
CA ILE A 137 -8.45 12.35 22.88
C ILE A 137 -7.61 11.14 23.37
N GLY A 138 -8.22 10.21 24.12
CA GLY A 138 -7.53 8.99 24.59
C GLY A 138 -7.64 7.80 23.61
N GLY A 139 -8.33 8.00 22.48
CA GLY A 139 -8.62 6.90 21.49
C GLY A 139 -7.43 6.57 20.58
N TYR A 140 -7.66 5.82 19.49
CA TYR A 140 -6.58 5.32 18.59
C TYR A 140 -7.00 5.51 17.16
N SER A 141 -6.06 5.70 16.24
CA SER A 141 -6.43 5.86 14.83
C SER A 141 -6.54 4.45 14.21
N ALA A 142 -7.13 4.39 13.01
CA ALA A 142 -7.19 3.15 12.25
C ALA A 142 -5.79 2.58 12.02
N GLY A 143 -4.81 3.44 11.74
CA GLY A 143 -3.43 2.90 11.57
C GLY A 143 -2.92 2.27 12.88
N GLU A 144 -3.15 2.91 14.01
CA GLU A 144 -2.75 2.32 15.28
C GLU A 144 -3.41 0.96 15.55
N ARG A 145 -4.70 0.87 15.19
CA ARG A 145 -5.54 -0.29 15.45
C ARG A 145 -5.09 -1.43 14.63
N ILE A 146 -4.78 -1.18 13.36
CA ILE A 146 -4.43 -2.31 12.51
C ILE A 146 -3.12 -2.90 12.97
N VAL A 147 -2.12 -2.08 13.31
CA VAL A 147 -0.85 -2.69 13.72
C VAL A 147 -0.98 -3.42 15.09
N ASP A 148 -1.72 -2.86 16.03
CA ASP A 148 -2.00 -3.53 17.29
C ASP A 148 -2.75 -4.90 17.07
N ILE A 149 -3.65 -5.00 16.10
CA ILE A 149 -4.41 -6.23 15.90
C ILE A 149 -3.53 -7.26 15.20
N ILE A 150 -2.66 -6.80 14.28
CA ILE A 150 -1.87 -7.71 13.44
C ILE A 150 -0.54 -8.17 14.08
N ALA A 151 0.09 -7.29 14.87
CA ALA A 151 1.33 -7.60 15.51
C ALA A 151 1.25 -8.97 16.22
N THR A 152 2.26 -9.80 16.02
CA THR A 152 2.23 -11.17 16.59
C THR A 152 3.10 -11.22 17.88
N ASP A 153 4.10 -10.33 18.01
CA ASP A 153 5.07 -10.44 19.10
C ASP A 153 5.37 -9.08 19.73
N ILE A 154 4.42 -8.48 20.45
CA ILE A 154 4.56 -7.07 20.89
C ILE A 154 5.70 -6.78 21.89
N SER B 3 14.93 4.57 14.01
CA SER B 3 13.57 4.96 14.41
C SER B 3 12.50 4.15 13.66
N PRO B 4 11.33 3.94 14.30
CA PRO B 4 10.19 3.34 13.59
C PRO B 4 9.71 4.16 12.34
N GLY B 5 10.06 5.45 12.24
CA GLY B 5 9.59 6.33 11.13
C GLY B 5 10.49 6.59 9.89
N ILE B 6 11.57 5.82 9.80
CA ILE B 6 12.67 6.04 8.85
C ILE B 6 12.60 5.07 7.67
N TRP B 7 12.51 5.61 6.44
CA TRP B 7 12.46 4.85 5.20
C TRP B 7 13.56 5.29 4.26
N GLN B 8 13.99 4.37 3.40
CA GLN B 8 14.93 4.72 2.37
C GLN B 8 14.27 4.40 1.04
N LEU B 9 14.39 5.30 0.07
CA LEU B 9 13.72 5.22 -1.23
C LEU B 9 14.75 5.19 -2.33
N ASP B 10 14.61 4.30 -3.26
CA ASP B 10 15.26 4.52 -4.51
C ASP B 10 14.75 3.74 -5.69
N CYS B 11 15.42 3.88 -6.81
CA CYS B 11 14.90 3.41 -8.05
C CYS B 11 15.76 2.29 -8.58
N THR B 12 15.19 1.48 -9.43
CA THR B 12 15.99 0.49 -10.08
C THR B 12 15.41 0.38 -11.51
N HIS B 13 16.25 0.10 -12.47
CA HIS B 13 15.80 0.10 -13.83
C HIS B 13 15.76 -1.30 -14.41
N LEU B 14 14.73 -1.61 -15.15
CA LEU B 14 14.52 -2.93 -15.68
C LEU B 14 13.61 -2.91 -16.90
N GLU B 15 13.86 -3.79 -17.87
CA GLU B 15 13.11 -3.85 -19.13
C GLU B 15 12.66 -2.50 -19.61
N GLY B 16 13.48 -1.50 -19.41
CA GLY B 16 13.17 -0.16 -19.82
C GLY B 16 12.25 0.62 -18.93
N LYS B 17 11.92 0.06 -17.76
CA LYS B 17 11.00 0.72 -16.86
C LYS B 17 11.65 1.08 -15.55
N VAL B 18 10.98 1.89 -14.76
CA VAL B 18 11.53 2.31 -13.47
C VAL B 18 10.72 1.66 -12.35
N ILE B 19 11.40 1.06 -11.37
CA ILE B 19 10.76 0.57 -10.14
C ILE B 19 11.16 1.49 -8.99
N LEU B 20 10.18 2.06 -8.31
CA LEU B 20 10.49 2.85 -7.15
C LEU B 20 10.32 1.94 -5.93
N VAL B 21 11.35 1.89 -5.08
CA VAL B 21 11.31 0.94 -3.94
C VAL B 21 11.49 1.74 -2.67
N ALA B 22 10.64 1.53 -1.66
CA ALA B 22 10.86 2.10 -0.35
C ALA B 22 11.14 0.98 0.67
N VAL B 23 12.21 1.08 1.44
CA VAL B 23 12.49 0.07 2.48
C VAL B 23 12.34 0.72 3.86
N HIS B 24 11.54 0.09 4.69
CA HIS B 24 11.45 0.49 6.07
C HIS B 24 12.74 0.02 6.72
N VAL B 25 13.58 0.97 7.07
CA VAL B 25 14.99 0.59 7.36
C VAL B 25 15.11 -0.39 8.56
N ALA B 26 14.40 -0.22 9.64
CA ALA B 26 14.60 -1.09 10.79
C ALA B 26 14.06 -2.52 10.58
N SER B 27 13.06 -2.74 9.69
CA SER B 27 12.47 -4.07 9.47
C SER B 27 12.85 -4.76 8.15
N GLY B 28 13.23 -3.99 7.15
CA GLY B 28 13.39 -4.54 5.80
C GLY B 28 12.09 -4.66 4.99
N TYR B 29 10.99 -4.28 5.59
CA TYR B 29 9.70 -4.34 4.83
C TYR B 29 9.76 -3.40 3.59
N ILE B 30 9.21 -3.81 2.45
CA ILE B 30 9.19 -2.92 1.29
C ILE B 30 7.80 -2.60 0.69
N GLU B 31 7.67 -1.40 0.12
CA GLU B 31 6.63 -1.15 -0.86
C GLU B 31 7.32 -0.70 -2.14
N ALA B 32 6.71 -1.04 -3.28
CA ALA B 32 7.27 -0.81 -4.61
C ALA B 32 6.18 -0.62 -5.63
N GLU B 33 6.46 0.21 -6.65
CA GLU B 33 5.53 0.42 -7.79
C GLU B 33 6.41 0.57 -9.04
N VAL B 34 5.87 0.20 -10.21
CA VAL B 34 6.57 0.32 -11.49
C VAL B 34 5.94 1.57 -12.04
N ILE B 35 6.76 2.47 -12.53
CA ILE B 35 6.25 3.75 -13.06
C ILE B 35 6.85 3.96 -14.46
N PRO B 36 6.14 4.73 -15.32
CA PRO B 36 6.57 4.90 -16.73
C PRO B 36 7.96 5.52 -16.83
N ALA B 37 8.16 6.54 -15.98
CA ALA B 37 9.41 7.31 -15.90
C ALA B 37 9.57 7.88 -14.48
N GLU B 38 10.80 8.16 -14.13
CA GLU B 38 11.08 8.62 -12.81
C GLU B 38 10.73 10.12 -12.66
N THR B 39 9.44 10.47 -12.56
CA THR B 39 9.19 11.90 -12.56
C THR B 39 8.94 12.42 -11.17
N GLY B 40 8.98 13.75 -11.06
CA GLY B 40 8.52 14.46 -9.86
C GLY B 40 7.06 14.11 -9.51
N GLN B 41 6.13 14.10 -10.49
CA GLN B 41 4.73 13.80 -10.18
C GLN B 41 4.63 12.36 -9.63
N GLU B 42 5.38 11.42 -10.20
CA GLU B 42 5.27 9.98 -9.78
C GLU B 42 5.88 9.77 -8.44
N THR B 43 6.94 10.48 -8.17
CA THR B 43 7.61 10.37 -6.88
C THR B 43 6.70 10.93 -5.74
N ALA B 44 6.09 12.07 -6.01
CA ALA B 44 5.25 12.76 -5.07
C ALA B 44 4.08 11.87 -4.71
N TYR B 45 3.46 11.31 -5.74
CA TYR B 45 2.26 10.46 -5.58
C TYR B 45 2.70 9.24 -4.77
N PHE B 46 3.84 8.65 -5.13
CA PHE B 46 4.37 7.50 -4.39
C PHE B 46 4.57 7.79 -2.89
N LEU B 47 5.28 8.88 -2.57
CA LEU B 47 5.47 9.32 -1.19
C LEU B 47 4.16 9.57 -0.42
N LEU B 48 3.19 10.25 -1.05
CA LEU B 48 1.89 10.44 -0.40
C LEU B 48 1.17 9.14 -0.09
N LYS B 49 1.19 8.21 -1.02
CA LYS B 49 0.58 6.89 -0.76
C LYS B 49 1.25 6.22 0.45
N LEU B 50 2.60 6.18 0.40
CA LEU B 50 3.40 5.55 1.44
C LEU B 50 3.01 6.12 2.83
N ALA B 51 2.95 7.45 2.95
CA ALA B 51 2.73 8.17 4.22
C ALA B 51 1.31 7.99 4.76
N GLY B 52 0.31 7.74 3.91
CA GLY B 52 -1.08 7.41 4.32
C GLY B 52 -1.19 5.97 4.88
N ARG B 53 -0.20 5.12 4.56
CA ARG B 53 -0.22 3.67 4.83
C ARG B 53 0.65 3.28 6.08
N TRP B 54 1.64 4.10 6.36
CA TRP B 54 2.62 3.84 7.43
C TRP B 54 3.04 5.18 8.01
N PRO B 55 3.49 5.18 9.28
CA PRO B 55 3.96 6.46 9.88
C PRO B 55 5.34 6.78 9.34
N VAL B 56 5.43 7.73 8.41
CA VAL B 56 6.68 8.04 7.74
C VAL B 56 7.12 9.41 8.30
N LYS B 57 8.30 9.45 8.92
CA LYS B 57 8.90 10.70 9.43
C LYS B 57 9.95 11.23 8.54
N THR B 58 10.84 10.36 8.10
CA THR B 58 11.99 10.79 7.34
C THR B 58 12.19 9.82 6.22
N VAL B 59 12.39 10.34 5.00
CA VAL B 59 12.81 9.49 3.89
C VAL B 59 14.22 9.85 3.46
N HIS B 60 15.07 8.84 3.29
CA HIS B 60 16.42 9.00 2.80
C HIS B 60 16.37 8.68 1.36
N THR B 61 16.86 9.58 0.48
CA THR B 61 16.79 9.34 -0.96
C THR B 61 18.13 9.57 -1.63
N ASP B 62 18.23 9.30 -2.93
CA ASP B 62 19.46 9.67 -3.65
C ASP B 62 19.37 11.15 -4.04
N ASN B 63 20.34 11.68 -4.78
CA ASN B 63 20.27 13.15 -5.04
C ASN B 63 19.35 13.60 -6.23
N GLY B 64 18.53 12.69 -6.77
CA GLY B 64 17.87 12.93 -8.05
C GLY B 64 16.94 14.10 -8.08
N SER B 65 16.76 14.72 -9.24
CA SER B 65 16.00 15.95 -9.31
C SER B 65 14.51 15.61 -9.17
N ASN B 66 14.16 14.35 -9.34
CA ASN B 66 12.75 14.00 -9.04
C ASN B 66 12.36 14.20 -7.53
N PHE B 67 13.34 14.08 -6.60
CA PHE B 67 13.09 14.21 -5.13
C PHE B 67 13.04 15.62 -4.65
N THR B 68 13.32 16.55 -5.54
CA THR B 68 13.54 17.89 -5.14
C THR B 68 12.58 18.82 -5.84
N SER B 69 11.72 18.27 -6.69
CA SER B 69 10.71 19.08 -7.39
C SER B 69 9.74 19.78 -6.38
N THR B 70 9.10 20.85 -6.84
CA THR B 70 8.21 21.61 -5.99
C THR B 70 6.92 20.78 -5.61
N THR B 71 6.42 19.95 -6.54
CA THR B 71 5.31 18.99 -6.14
C THR B 71 5.77 17.99 -5.05
N VAL B 72 7.01 17.46 -5.13
CA VAL B 72 7.55 16.57 -4.05
C VAL B 72 7.69 17.32 -2.71
N LYS B 73 8.19 18.56 -2.77
CA LYS B 73 8.23 19.35 -1.55
C LYS B 73 6.83 19.70 -1.00
N ALA B 74 5.84 20.05 -1.85
CA ALA B 74 4.51 20.29 -1.36
C ALA B 74 3.95 19.01 -0.68
N ALA B 75 4.21 17.86 -1.28
CA ALA B 75 3.62 16.62 -0.78
C ALA B 75 4.24 16.27 0.54
N CYS B 76 5.56 16.42 0.64
CA CYS B 76 6.25 16.16 1.88
C CYS B 76 5.86 17.16 3.01
N ASP B 77 5.75 18.46 2.68
CA ASP B 77 5.30 19.44 3.67
C ASP B 77 3.92 19.01 4.20
N TRP B 78 3.01 18.68 3.28
CA TRP B 78 1.64 18.33 3.67
C TRP B 78 1.65 17.03 4.53
N ALA B 79 2.43 16.02 4.16
CA ALA B 79 2.36 14.72 4.87
C ALA B 79 3.30 14.70 6.08
N GLY B 80 4.06 15.76 6.31
CA GLY B 80 4.94 15.79 7.48
C GLY B 80 6.21 14.96 7.28
N ILE B 81 6.70 14.82 6.05
CA ILE B 81 7.87 13.97 5.75
C ILE B 81 9.08 14.90 5.69
N LYS B 82 10.18 14.55 6.36
CA LYS B 82 11.42 15.27 6.22
C LYS B 82 12.27 14.48 5.19
N GLN B 83 12.80 15.19 4.19
CA GLN B 83 13.67 14.56 3.16
C GLN B 83 15.11 14.78 3.46
N GLU B 84 15.93 13.77 3.16
CA GLU B 84 17.38 13.81 3.36
C GLU B 84 18.10 13.02 2.25
N GLU B 98 19.59 -1.21 0.58
CA GLU B 98 20.94 -1.19 0.00
C GLU B 98 21.08 -2.30 -0.99
N SER B 99 20.78 -3.46 -0.46
CA SER B 99 20.91 -4.69 -1.10
C SER B 99 19.54 -5.09 -1.61
N MET B 100 18.49 -4.61 -0.96
CA MET B 100 17.16 -5.05 -1.33
C MET B 100 16.87 -4.67 -2.73
N ASN B 101 17.33 -3.53 -3.17
CA ASN B 101 17.18 -3.30 -4.58
C ASN B 101 17.67 -4.58 -5.25
N LYS B 102 18.63 -5.21 -4.62
CA LYS B 102 19.38 -6.26 -5.30
C LYS B 102 18.75 -7.58 -4.96
N GLU B 103 18.18 -7.65 -3.78
CA GLU B 103 17.42 -8.79 -3.34
C GLU B 103 16.10 -8.85 -4.11
N LEU B 104 15.41 -7.73 -4.19
CA LEU B 104 14.18 -7.68 -4.90
C LEU B 104 14.39 -8.08 -6.34
N LYS B 105 15.47 -7.60 -6.92
CA LYS B 105 15.80 -7.91 -8.29
C LYS B 105 16.00 -9.38 -8.43
N LYS B 106 16.72 -9.95 -7.49
CA LYS B 106 16.93 -11.37 -7.51
C LYS B 106 15.54 -12.06 -7.58
N ILE B 107 14.63 -11.73 -6.64
CA ILE B 107 13.31 -12.43 -6.62
C ILE B 107 12.52 -12.19 -7.89
N ILE B 108 12.65 -10.95 -8.41
CA ILE B 108 11.97 -10.63 -9.63
C ILE B 108 12.34 -11.62 -10.73
N GLY B 109 13.62 -11.89 -10.91
CA GLY B 109 14.00 -12.91 -11.94
C GLY B 109 13.47 -14.28 -11.55
N GLN B 110 13.53 -14.59 -10.26
CA GLN B 110 13.04 -15.92 -9.85
C GLN B 110 11.59 -16.24 -10.20
N VAL B 111 10.73 -15.22 -10.32
CA VAL B 111 9.28 -15.43 -10.64
C VAL B 111 8.88 -14.79 -11.96
N ARG B 112 9.82 -14.10 -12.62
CA ARG B 112 9.50 -13.23 -13.77
C ARG B 112 8.71 -13.95 -14.84
N ASP B 113 8.80 -15.29 -14.83
CA ASP B 113 8.13 -16.18 -15.77
C ASP B 113 6.69 -16.55 -15.37
N GLN B 114 6.31 -16.30 -14.11
CA GLN B 114 4.96 -16.71 -13.64
C GLN B 114 3.97 -15.60 -14.03
N ALA B 115 4.47 -14.58 -14.76
CA ALA B 115 3.74 -13.36 -15.06
C ALA B 115 4.05 -12.85 -16.45
N GLU B 116 3.01 -12.47 -17.17
CA GLU B 116 3.10 -11.71 -18.42
C GLU B 116 3.84 -10.35 -18.26
N HIS B 117 3.40 -9.53 -17.31
CA HIS B 117 3.88 -8.16 -17.23
C HIS B 117 4.88 -7.96 -16.11
N LEU B 118 5.85 -7.09 -16.37
CA LEU B 118 6.84 -6.74 -15.39
C LEU B 118 6.17 -6.28 -14.07
N LYS B 119 5.12 -5.49 -14.14
CA LYS B 119 4.61 -4.95 -12.88
C LYS B 119 3.95 -6.00 -12.00
N THR B 120 3.37 -7.00 -12.63
CA THR B 120 2.92 -8.17 -11.87
C THR B 120 4.06 -8.90 -11.16
N ALA B 121 5.15 -9.17 -11.88
CA ALA B 121 6.28 -9.86 -11.26
C ALA B 121 6.90 -9.03 -10.14
N VAL B 122 6.96 -7.74 -10.34
CA VAL B 122 7.41 -6.88 -9.26
C VAL B 122 6.56 -7.06 -7.97
N GLN B 123 5.26 -7.07 -8.09
CA GLN B 123 4.43 -7.17 -6.89
C GLN B 123 4.41 -8.60 -6.29
N MET B 124 4.64 -9.60 -7.14
CA MET B 124 4.83 -10.97 -6.63
C MET B 124 6.10 -11.03 -5.83
N ALA B 125 7.09 -10.25 -6.26
CA ALA B 125 8.35 -10.22 -5.55
C ALA B 125 8.26 -9.47 -4.22
N VAL B 126 7.51 -8.35 -4.21
CA VAL B 126 7.24 -7.64 -2.97
C VAL B 126 6.53 -8.61 -1.97
N PHE B 127 5.48 -9.28 -2.44
CA PHE B 127 4.75 -10.27 -1.66
C PHE B 127 5.73 -11.30 -1.03
N ILE B 128 6.57 -11.92 -1.86
CA ILE B 128 7.49 -12.98 -1.41
C ILE B 128 8.46 -12.41 -0.38
N HIS B 129 9.07 -11.22 -0.67
CA HIS B 129 9.98 -10.58 0.24
C HIS B 129 9.34 -10.30 1.58
N ASN B 130 8.09 -9.76 1.61
CA ASN B 130 7.52 -9.28 2.88
C ASN B 130 7.00 -10.44 3.77
N HIS B 131 6.72 -11.58 3.17
CA HIS B 131 6.17 -12.74 3.83
C HIS B 131 7.21 -13.70 4.28
N LYS B 132 8.42 -13.60 3.73
CA LYS B 132 9.44 -14.64 3.91
C LYS B 132 10.07 -14.65 5.32
N ARG B 133 9.91 -15.76 6.05
CA ARG B 133 10.47 -15.87 7.37
C ARG B 133 11.99 -15.88 7.24
N LYS B 134 12.68 -15.06 7.99
CA LYS B 134 14.13 -15.14 8.03
C LYS B 134 14.57 -16.07 9.21
N GLY B 135 15.59 -16.90 8.99
CA GLY B 135 16.05 -17.85 10.02
C GLY B 135 15.09 -19.08 10.20
N GLY B 136 15.23 -19.82 11.31
CA GLY B 136 14.53 -21.10 11.44
C GLY B 136 13.20 -20.85 12.18
N ILE B 137 12.75 -21.86 12.91
CA ILE B 137 11.65 -21.73 13.85
C ILE B 137 12.06 -20.78 14.96
N GLY B 138 11.25 -19.73 15.13
CA GLY B 138 11.63 -18.60 15.96
C GLY B 138 11.82 -17.32 15.14
N GLY B 139 11.97 -17.43 13.81
CA GLY B 139 12.24 -16.23 13.05
C GLY B 139 10.97 -15.44 12.79
N TYR B 140 11.13 -14.37 12.01
CA TYR B 140 10.08 -13.41 11.61
C TYR B 140 10.24 -13.01 10.15
N SER B 141 9.14 -12.65 9.53
CA SER B 141 9.19 -11.99 8.20
C SER B 141 9.27 -10.46 8.38
N ALA B 142 9.63 -9.75 7.30
CA ALA B 142 9.80 -8.31 7.32
C ALA B 142 8.46 -7.66 7.70
N GLY B 143 7.36 -8.20 7.18
CA GLY B 143 6.02 -7.68 7.54
C GLY B 143 5.73 -7.79 9.05
N GLU B 144 6.07 -8.93 9.65
CA GLU B 144 5.94 -9.12 11.10
C GLU B 144 6.84 -8.14 11.84
N ARG B 145 8.10 -7.92 11.42
CA ARG B 145 9.00 -6.96 12.10
C ARG B 145 8.44 -5.52 12.10
N ILE B 146 8.01 -5.03 10.93
CA ILE B 146 7.47 -3.66 10.93
C ILE B 146 6.24 -3.49 11.84
N VAL B 147 5.26 -4.39 11.81
CA VAL B 147 4.13 -4.24 12.71
C VAL B 147 4.57 -4.38 14.20
N ASP B 148 5.53 -5.27 14.49
CA ASP B 148 5.94 -5.50 15.91
C ASP B 148 6.65 -4.22 16.37
N ILE B 149 7.53 -3.70 15.51
CA ILE B 149 8.23 -2.40 15.81
C ILE B 149 7.30 -1.22 16.09
N ILE B 150 6.37 -0.95 15.17
CA ILE B 150 5.37 0.13 15.36
C ILE B 150 4.42 -0.09 16.56
N ALA B 151 3.89 -1.31 16.72
CA ALA B 151 3.05 -1.63 17.85
C ALA B 151 3.78 -1.42 19.19
N THR B 152 5.04 -1.84 19.25
CA THR B 152 5.87 -1.59 20.44
C THR B 152 6.07 -0.09 20.71
N ASP B 153 6.39 0.64 19.67
CA ASP B 153 6.50 2.10 19.77
C ASP B 153 5.22 2.79 20.25
N ILE B 154 4.06 2.29 19.85
CA ILE B 154 2.73 2.81 20.25
C ILE B 154 2.42 2.64 21.76
N GLN B 155 2.86 1.53 22.38
CA GLN B 155 2.72 1.34 23.83
C GLN B 155 3.73 2.10 24.73
#